data_1VKI
#
_entry.id   1VKI
#
_cell.length_a   35.997
_cell.length_b   64.848
_cell.length_c   77.427
_cell.angle_alpha   90.00
_cell.angle_beta   100.92
_cell.angle_gamma   90.00
#
_symmetry.space_group_name_H-M   'P 1 21 1'
#
loop_
_entity.id
_entity.type
_entity.pdbx_description
1 polymer 'HYPOTHETICAL PROTEIN ATU3699'
2 non-polymer 'SULFATE ION'
3 non-polymer GLYCEROL
4 water water
#
_entity_poly.entity_id   1
_entity_poly.type   'polypeptide(L)'
_entity_poly.pdbx_seq_one_letter_code
;MGSDKIHHHHHHMTENSRKTATELFEFLDGLGISHTTKQHEPVFTVAESQSLRDLIPGGHTKNLFVKDKKDQYFVLTVEE
NAVVDLKSVHKTIGAASRVSFGRPEKMLEYLGVVPGSVTVFGAINDTARQVTFVLDSDLLENELVNGHPLSNDQTTTIAS
KDLIRFLEATGHAPLVLKVSE
;
_entity_poly.pdbx_strand_id   A,B
#
# COMPACT_ATOMS: atom_id res chain seq x y z
N SER A 17 -1.86 24.08 -16.44
CA SER A 17 -1.27 22.94 -17.19
C SER A 17 -0.43 22.12 -16.20
N ARG A 18 -0.68 20.81 -16.12
CA ARG A 18 0.12 19.89 -15.31
C ARG A 18 1.59 19.93 -15.76
N LYS A 19 2.52 19.85 -14.82
CA LYS A 19 3.92 19.82 -15.13
C LYS A 19 4.38 18.39 -15.51
N THR A 20 5.41 18.31 -16.33
CA THR A 20 6.07 17.06 -16.62
C THR A 20 7.20 16.82 -15.62
N ALA A 21 7.68 15.58 -15.59
CA ALA A 21 8.84 15.23 -14.81
C ALA A 21 10.03 16.15 -15.16
N THR A 22 10.23 16.38 -16.47
CA THR A 22 11.35 17.21 -16.89
C THR A 22 11.22 18.63 -16.30
N GLU A 23 10.00 19.16 -16.34
CA GLU A 23 9.74 20.47 -15.78
C GLU A 23 9.98 20.51 -14.26
N LEU A 24 9.64 19.43 -13.57
CA LEU A 24 9.95 19.37 -12.15
C LEU A 24 11.44 19.41 -11.92
N PHE A 25 12.20 18.61 -12.67
CA PHE A 25 13.65 18.58 -12.49
C PHE A 25 14.27 19.96 -12.73
N GLU A 26 13.78 20.63 -13.76
CA GLU A 26 14.27 21.97 -14.09
C GLU A 26 14.01 22.95 -12.97
N PHE A 27 12.83 22.85 -12.38
CA PHE A 27 12.45 23.69 -11.25
C PHE A 27 13.41 23.43 -10.06
N LEU A 28 13.67 22.16 -9.74
CA LEU A 28 14.59 21.81 -8.68
C LEU A 28 15.99 22.36 -9.00
N ASP A 29 16.43 22.22 -10.25
CA ASP A 29 17.71 22.76 -10.64
C ASP A 29 17.82 24.26 -10.41
N GLY A 30 16.79 24.99 -10.75
CA GLY A 30 16.80 26.43 -10.56
C GLY A 30 16.87 26.81 -9.09
N LEU A 31 16.33 25.93 -8.23
CA LEU A 31 16.38 26.13 -6.77
C LEU A 31 17.68 25.69 -6.15
N GLY A 32 18.54 25.06 -6.92
CA GLY A 32 19.79 24.53 -6.37
C GLY A 32 19.60 23.28 -5.53
N ILE A 33 18.54 22.53 -5.82
CA ILE A 33 18.24 21.30 -5.10
C ILE A 33 18.76 20.11 -5.89
N SER A 34 19.72 19.40 -5.29
CA SER A 34 20.28 18.20 -5.90
C SER A 34 19.24 17.07 -5.94
N HIS A 35 19.26 16.29 -7.00
CA HIS A 35 18.33 15.17 -7.12
C HIS A 35 18.97 14.04 -7.87
N THR A 36 18.54 12.83 -7.55
CA THR A 36 18.91 11.66 -8.34
C THR A 36 17.67 10.85 -8.53
N THR A 37 17.60 10.15 -9.65
CA THR A 37 16.42 9.43 -10.02
C THR A 37 16.74 8.05 -10.56
N LYS A 38 16.00 7.06 -10.14
CA LYS A 38 16.02 5.71 -10.72
C LYS A 38 14.82 5.56 -11.67
N GLN A 39 15.09 5.11 -12.89
CA GLN A 39 14.08 4.75 -13.87
C GLN A 39 13.69 3.31 -13.63
N HIS A 40 12.42 3.02 -13.58
CA HIS A 40 11.99 1.64 -13.37
C HIS A 40 10.59 1.40 -13.95
N GLU A 41 10.28 0.16 -14.24
CA GLU A 41 8.90 -0.17 -14.57
C GLU A 41 8.04 0.14 -13.34
N PRO A 42 6.83 0.67 -13.53
CA PRO A 42 5.93 0.88 -12.43
C PRO A 42 5.65 -0.41 -11.69
N VAL A 43 5.57 -0.32 -10.37
CA VAL A 43 5.32 -1.49 -9.55
C VAL A 43 3.98 -1.39 -8.82
N PHE A 44 3.37 -2.54 -8.56
CA PHE A 44 2.03 -2.57 -7.97
C PHE A 44 1.90 -3.52 -6.80
N THR A 45 2.50 -4.69 -6.85
CA THR A 45 2.29 -5.62 -5.76
C THR A 45 3.10 -5.25 -4.51
N VAL A 46 2.75 -5.87 -3.42
CA VAL A 46 3.33 -5.58 -2.13
C VAL A 46 4.83 -5.97 -2.17
N ALA A 47 5.15 -7.19 -2.63
CA ALA A 47 6.55 -7.63 -2.60
C ALA A 47 7.42 -6.90 -3.60
N GLU A 48 6.86 -6.66 -4.78
CA GLU A 48 7.63 -5.99 -5.82
C GLU A 48 7.87 -4.53 -5.45
N SER A 49 6.88 -3.86 -4.86
CA SER A 49 7.09 -2.50 -4.41
C SER A 49 8.15 -2.39 -3.32
N GLN A 50 8.09 -3.28 -2.34
CA GLN A 50 9.09 -3.31 -1.30
C GLN A 50 10.49 -3.62 -1.84
N SER A 51 10.56 -4.58 -2.75
CA SER A 51 11.85 -4.93 -3.36
C SER A 51 12.50 -3.72 -4.02
N LEU A 52 11.69 -2.92 -4.69
CA LEU A 52 12.17 -1.70 -5.33
C LEU A 52 12.61 -0.67 -4.30
N ARG A 53 11.78 -0.41 -3.28
CA ARG A 53 12.16 0.52 -2.24
C ARG A 53 13.48 0.17 -1.59
N ASP A 54 13.70 -1.13 -1.35
CA ASP A 54 14.89 -1.59 -0.67
C ASP A 54 16.17 -1.34 -1.47
N LEU A 55 16.02 -1.05 -2.77
CA LEU A 55 17.16 -0.69 -3.63
C LEU A 55 17.46 0.80 -3.66
N ILE A 56 16.60 1.61 -3.04
CA ILE A 56 16.64 3.07 -3.15
C ILE A 56 16.77 3.64 -1.73
N PRO A 57 17.96 4.06 -1.38
CA PRO A 57 18.20 4.61 -0.05
C PRO A 57 17.31 5.79 0.29
N GLY A 58 16.99 5.94 1.57
CA GLY A 58 16.18 7.05 2.03
C GLY A 58 14.78 6.68 2.47
N GLY A 59 14.10 7.65 3.07
CA GLY A 59 12.71 7.47 3.44
C GLY A 59 11.83 7.52 2.20
N HIS A 60 10.96 6.56 2.05
CA HIS A 60 9.99 6.56 0.92
C HIS A 60 8.68 7.15 1.40
N THR A 61 8.17 8.08 0.64
CA THR A 61 6.94 8.82 1.03
C THR A 61 5.65 8.18 0.55
N LYS A 62 4.59 8.35 1.35
CA LYS A 62 3.24 8.08 0.95
C LYS A 62 2.39 9.26 1.46
N ASN A 63 1.28 9.50 0.76
CA ASN A 63 0.54 10.72 0.90
C ASN A 63 -0.90 10.44 1.13
N LEU A 64 -1.49 11.08 2.13
CA LEU A 64 -2.89 11.02 2.42
C LEU A 64 -3.54 12.35 1.98
N PHE A 65 -4.46 12.30 1.02
CA PHE A 65 -5.11 13.49 0.50
C PHE A 65 -6.49 13.56 1.12
N VAL A 66 -6.66 14.53 2.00
CA VAL A 66 -7.85 14.56 2.84
C VAL A 66 -8.40 15.96 2.91
N LYS A 67 -9.60 16.06 3.49
CA LYS A 67 -10.26 17.37 3.67
C LYS A 67 -11.11 17.31 4.93
N ASP A 68 -11.55 18.47 5.37
CA ASP A 68 -12.44 18.57 6.52
C ASP A 68 -13.81 19.10 6.05
N LYS A 69 -14.72 19.29 7.01
CA LYS A 69 -16.10 19.66 6.67
C LYS A 69 -16.23 21.05 6.11
N LYS A 70 -15.18 21.85 6.26
CA LYS A 70 -15.12 23.20 5.66
C LYS A 70 -14.41 23.20 4.28
N ASP A 71 -14.18 21.99 3.75
CA ASP A 71 -13.54 21.78 2.44
C ASP A 71 -12.13 22.39 2.36
N GLN A 72 -11.44 22.41 3.49
CA GLN A 72 -10.02 22.68 3.46
C GLN A 72 -9.29 21.36 3.21
N TYR A 73 -8.42 21.42 2.19
CA TYR A 73 -7.69 20.28 1.73
C TYR A 73 -6.29 20.22 2.31
N PHE A 74 -5.87 18.99 2.64
CA PHE A 74 -4.52 18.72 3.13
C PHE A 74 -3.90 17.52 2.39
N VAL A 75 -2.56 17.53 2.31
CA VAL A 75 -1.77 16.32 2.03
C VAL A 75 -0.92 16.06 3.25
N LEU A 76 -1.05 14.86 3.81
CA LEU A 76 -0.22 14.41 4.89
C LEU A 76 0.83 13.49 4.27
N THR A 77 2.11 13.87 4.32
CA THR A 77 3.17 13.07 3.71
C THR A 77 3.94 12.41 4.84
N VAL A 78 3.93 11.08 4.80
CA VAL A 78 4.51 10.27 5.84
C VAL A 78 5.39 9.19 5.25
N GLU A 79 6.18 8.51 6.09
CA GLU A 79 6.99 7.37 5.58
C GLU A 79 6.07 6.22 5.17
N GLU A 80 6.53 5.39 4.26
CA GLU A 80 5.70 4.32 3.69
C GLU A 80 5.08 3.40 4.74
N ASN A 81 5.84 3.09 5.77
CA ASN A 81 5.36 2.13 6.79
C ASN A 81 4.68 2.80 8.00
N ALA A 82 4.48 4.13 7.92
CA ALA A 82 3.80 4.83 8.99
C ALA A 82 2.28 4.62 8.92
N VAL A 83 1.64 4.78 10.07
CA VAL A 83 0.21 4.69 10.26
C VAL A 83 -0.33 6.01 10.85
N VAL A 84 -1.37 6.54 10.20
CA VAL A 84 -2.05 7.73 10.62
C VAL A 84 -3.42 7.34 11.15
N ASP A 85 -3.74 7.81 12.34
CA ASP A 85 -5.11 7.64 12.91
C ASP A 85 -6.03 8.71 12.34
N LEU A 86 -6.79 8.35 11.30
CA LEU A 86 -7.72 9.29 10.64
C LEU A 86 -8.83 9.80 11.55
N LYS A 87 -9.05 9.13 12.66
CA LYS A 87 -10.11 9.61 13.58
C LYS A 87 -9.69 10.80 14.38
N SER A 88 -8.37 10.98 14.56
CA SER A 88 -7.86 12.01 15.45
C SER A 88 -6.92 13.01 14.81
N VAL A 89 -6.46 12.73 13.59
CA VAL A 89 -5.39 13.56 13.05
C VAL A 89 -5.78 15.02 12.87
N HIS A 90 -7.07 15.28 12.72
CA HIS A 90 -7.57 16.64 12.57
C HIS A 90 -7.14 17.55 13.68
N LYS A 91 -7.03 17.00 14.88
CA LYS A 91 -6.69 17.77 16.07
C LYS A 91 -5.23 18.24 16.03
N THR A 92 -4.36 17.40 15.45
CA THR A 92 -2.97 17.76 15.30
C THR A 92 -2.76 18.80 14.23
N ILE A 93 -3.47 18.66 13.11
CA ILE A 93 -3.25 19.53 11.95
C ILE A 93 -4.06 20.80 11.91
N GLY A 94 -4.94 20.98 12.87
CA GLY A 94 -5.76 22.16 12.91
C GLY A 94 -6.95 22.18 11.97
N ALA A 95 -7.41 20.99 11.58
CA ALA A 95 -8.58 20.86 10.73
C ALA A 95 -9.88 21.15 11.50
N ALA A 96 -10.93 21.45 10.76
CA ALA A 96 -12.23 21.88 11.34
C ALA A 96 -13.14 20.75 11.80
N SER A 97 -12.79 19.53 11.44
CA SER A 97 -13.55 18.36 11.81
C SER A 97 -12.70 17.12 11.59
N ARG A 98 -13.19 15.97 12.00
CA ARG A 98 -12.59 14.72 11.52
C ARG A 98 -12.45 14.78 9.99
N VAL A 99 -11.31 14.33 9.46
CA VAL A 99 -11.08 14.38 8.06
C VAL A 99 -11.78 13.28 7.29
N SER A 100 -12.03 13.57 6.01
CA SER A 100 -12.57 12.64 5.06
C SER A 100 -11.59 12.56 3.89
N PHE A 101 -11.66 11.49 3.10
CA PHE A 101 -10.72 11.42 1.98
C PHE A 101 -11.12 12.43 0.90
N GLY A 102 -10.13 13.04 0.27
CA GLY A 102 -10.44 13.91 -0.84
C GLY A 102 -10.71 13.04 -2.05
N ARG A 103 -11.72 13.44 -2.78
CA ARG A 103 -12.12 12.71 -3.96
C ARG A 103 -11.23 13.07 -5.19
N PRO A 104 -11.20 12.19 -6.17
CA PRO A 104 -10.24 12.33 -7.24
C PRO A 104 -10.38 13.61 -8.08
N GLU A 105 -11.57 14.20 -8.17
CA GLU A 105 -11.75 15.37 -9.06
C GLU A 105 -10.94 16.56 -8.54
N LYS A 106 -11.03 16.85 -7.25
CA LYS A 106 -10.19 17.87 -6.61
C LYS A 106 -8.72 17.42 -6.54
N MET A 107 -8.44 16.12 -6.41
CA MET A 107 -7.03 15.66 -6.41
C MET A 107 -6.37 15.98 -7.74
N LEU A 108 -7.09 15.75 -8.84
CA LEU A 108 -6.62 16.13 -10.19
C LEU A 108 -6.53 17.63 -10.37
N GLU A 109 -7.57 18.33 -9.95
CA GLU A 109 -7.65 19.78 -10.10
C GLU A 109 -6.49 20.48 -9.42
N TYR A 110 -6.23 20.08 -8.17
CA TYR A 110 -5.21 20.71 -7.34
C TYR A 110 -3.79 20.16 -7.55
N LEU A 111 -3.63 18.84 -7.56
CA LEU A 111 -2.30 18.23 -7.59
C LEU A 111 -1.90 17.66 -8.95
N GLY A 112 -2.85 17.58 -9.89
CA GLY A 112 -2.53 17.12 -11.24
C GLY A 112 -2.20 15.66 -11.35
N VAL A 113 -2.62 14.89 -10.33
CA VAL A 113 -2.33 13.46 -10.26
C VAL A 113 -3.62 12.68 -10.17
N VAL A 114 -3.50 11.38 -10.45
CA VAL A 114 -4.60 10.43 -10.36
C VAL A 114 -4.24 9.34 -9.34
N PRO A 115 -5.22 8.62 -8.83
CA PRO A 115 -4.92 7.44 -7.98
C PRO A 115 -3.83 6.54 -8.55
N GLY A 116 -2.92 6.10 -7.68
CA GLY A 116 -1.77 5.30 -8.08
C GLY A 116 -0.55 6.10 -8.45
N SER A 117 -0.73 7.42 -8.53
CA SER A 117 0.35 8.30 -8.94
C SER A 117 0.43 9.53 -8.03
N VAL A 118 -0.07 9.42 -6.81
CA VAL A 118 -0.08 10.56 -5.89
C VAL A 118 1.35 10.79 -5.42
N THR A 119 1.78 12.06 -5.39
CA THR A 119 3.14 12.35 -4.98
C THR A 119 3.19 13.73 -4.40
N VAL A 120 4.07 13.90 -3.42
CA VAL A 120 4.26 15.21 -2.77
C VAL A 120 4.77 16.25 -3.78
N PHE A 121 5.39 15.79 -4.85
CA PHE A 121 5.87 16.73 -5.85
C PHE A 121 4.71 17.40 -6.62
N GLY A 122 3.51 16.85 -6.46
CA GLY A 122 2.28 17.44 -7.02
C GLY A 122 2.00 18.84 -6.50
N ALA A 123 2.65 19.24 -5.40
CA ALA A 123 2.61 20.64 -4.93
C ALA A 123 2.85 21.64 -6.08
N ILE A 124 3.70 21.25 -7.03
CA ILE A 124 4.06 22.19 -8.10
C ILE A 124 2.86 22.52 -8.98
N ASN A 125 1.89 21.62 -9.03
CA ASN A 125 0.65 21.83 -9.78
C ASN A 125 -0.44 22.63 -9.06
N ASP A 126 -0.33 22.84 -7.74
CA ASP A 126 -1.38 23.48 -6.97
C ASP A 126 -1.13 24.98 -6.99
N THR A 127 -1.29 25.58 -8.16
CA THR A 127 -0.90 27.00 -8.29
C THR A 127 -1.82 27.95 -7.56
N ALA A 128 -3.02 27.51 -7.24
CA ALA A 128 -3.92 28.32 -6.44
C ALA A 128 -3.74 28.09 -4.91
N ARG A 129 -2.77 27.24 -4.55
CA ARG A 129 -2.40 26.99 -3.18
C ARG A 129 -3.62 26.62 -2.33
N GLN A 130 -4.40 25.68 -2.84
CA GLN A 130 -5.57 25.15 -2.12
C GLN A 130 -5.28 24.05 -1.12
N VAL A 131 -4.07 23.49 -1.19
CA VAL A 131 -3.68 22.35 -0.36
C VAL A 131 -2.64 22.73 0.69
N THR A 132 -2.91 22.35 1.94
CA THR A 132 -1.94 22.48 2.99
C THR A 132 -1.13 21.21 3.10
N PHE A 133 0.19 21.33 3.02
CA PHE A 133 1.10 20.21 3.12
C PHE A 133 1.63 20.06 4.54
N VAL A 134 1.45 18.86 5.07
CA VAL A 134 1.91 18.51 6.41
C VAL A 134 2.95 17.42 6.21
N LEU A 135 4.12 17.60 6.81
CA LEU A 135 5.20 16.61 6.70
C LEU A 135 5.40 15.99 8.06
N ASP A 136 5.33 14.66 8.12
CA ASP A 136 5.51 13.98 9.38
C ASP A 136 6.91 14.17 9.96
N SER A 137 6.98 14.49 11.25
CA SER A 137 8.27 14.67 11.91
C SER A 137 9.24 13.51 11.68
N ASP A 138 8.75 12.28 11.84
CA ASP A 138 9.63 11.15 11.67
C ASP A 138 10.16 11.04 10.24
N LEU A 139 9.34 11.37 9.25
CA LEU A 139 9.80 11.30 7.86
C LEU A 139 11.03 12.18 7.65
N LEU A 140 11.01 13.36 8.25
CA LEU A 140 12.07 14.32 8.03
C LEU A 140 13.33 14.03 8.85
N GLU A 141 13.29 13.03 9.70
CA GLU A 141 14.46 12.55 10.41
C GLU A 141 15.34 11.70 9.49
N ASN A 142 14.82 11.30 8.32
CA ASN A 142 15.63 10.67 7.29
C ASN A 142 16.47 11.74 6.61
N GLU A 143 17.72 11.46 6.34
CA GLU A 143 18.55 12.43 5.59
C GLU A 143 17.99 12.67 4.17
N LEU A 144 17.51 11.58 3.56
CA LEU A 144 17.05 11.58 2.17
C LEU A 144 15.62 11.06 2.16
N VAL A 145 14.82 11.61 1.22
CA VAL A 145 13.46 11.17 1.02
C VAL A 145 13.21 10.97 -0.47
N ASN A 146 12.21 10.14 -0.78
CA ASN A 146 11.91 9.70 -2.14
C ASN A 146 10.47 9.95 -2.50
N GLY A 147 10.21 10.32 -3.75
CA GLY A 147 8.88 10.35 -4.28
C GLY A 147 8.91 10.24 -5.80
N HIS A 148 7.76 10.02 -6.42
CA HIS A 148 7.68 9.97 -7.87
C HIS A 148 7.67 11.38 -8.46
N PRO A 149 8.49 11.66 -9.47
CA PRO A 149 8.59 13.00 -10.03
C PRO A 149 7.48 13.22 -11.10
N LEU A 150 6.23 13.11 -10.68
CA LEU A 150 5.07 13.31 -11.56
C LEU A 150 4.97 12.22 -12.63
N SER A 151 5.55 11.07 -12.33
CA SER A 151 5.51 9.90 -13.20
C SER A 151 5.82 8.67 -12.37
N ASN A 152 5.06 7.60 -12.53
CA ASN A 152 5.28 6.41 -11.66
C ASN A 152 6.31 5.39 -12.15
N ASP A 153 7.05 5.74 -13.21
CA ASP A 153 8.15 4.94 -13.73
C ASP A 153 9.51 5.54 -13.38
N GLN A 154 9.50 6.38 -12.36
CA GLN A 154 10.70 7.00 -11.83
C GLN A 154 10.49 7.22 -10.34
N THR A 155 11.60 7.16 -9.62
CA THR A 155 11.62 7.51 -8.19
C THR A 155 12.81 8.41 -7.99
N THR A 156 12.55 9.60 -7.40
CA THR A 156 13.53 10.67 -7.20
C THR A 156 13.84 10.85 -5.73
N THR A 157 15.14 10.97 -5.46
CA THR A 157 15.64 11.19 -4.11
C THR A 157 16.14 12.62 -4.00
N ILE A 158 15.73 13.28 -2.91
CA ILE A 158 16.24 14.59 -2.55
C ILE A 158 16.49 14.59 -1.04
N ALA A 159 17.25 15.55 -0.59
CA ALA A 159 17.49 15.68 0.85
C ALA A 159 16.19 16.11 1.54
N SER A 160 15.95 15.59 2.73
CA SER A 160 14.72 15.95 3.44
C SER A 160 14.57 17.48 3.64
N LYS A 161 15.67 18.16 3.95
CA LYS A 161 15.64 19.62 4.08
C LYS A 161 15.25 20.30 2.75
N ASP A 162 15.61 19.68 1.65
CA ASP A 162 15.24 20.22 0.33
C ASP A 162 13.78 19.95 -0.02
N LEU A 163 13.14 18.94 0.61
CA LEU A 163 11.69 18.78 0.41
C LEU A 163 10.97 20.01 0.93
N ILE A 164 11.38 20.47 2.12
CA ILE A 164 10.83 21.70 2.67
C ILE A 164 11.06 22.88 1.72
N ARG A 165 12.29 23.04 1.24
CA ARG A 165 12.63 24.14 0.33
C ARG A 165 11.80 24.07 -0.95
N PHE A 166 11.62 22.85 -1.48
CA PHE A 166 10.78 22.65 -2.67
C PHE A 166 9.35 23.13 -2.42
N LEU A 167 8.76 22.67 -1.32
CA LEU A 167 7.38 23.06 -1.01
C LEU A 167 7.28 24.59 -0.85
N GLU A 168 8.19 25.18 -0.08
CA GLU A 168 8.18 26.61 0.10
C GLU A 168 8.24 27.33 -1.24
N ALA A 169 9.09 26.87 -2.15
CA ALA A 169 9.23 27.51 -3.47
C ALA A 169 7.96 27.49 -4.32
N THR A 170 7.14 26.43 -4.17
CA THR A 170 5.83 26.37 -4.82
C THR A 170 4.73 27.15 -4.10
N GLY A 171 5.07 27.86 -3.04
CA GLY A 171 4.07 28.70 -2.33
C GLY A 171 3.35 27.93 -1.24
N HIS A 172 3.91 26.79 -0.82
CA HIS A 172 3.30 25.94 0.19
C HIS A 172 4.21 25.93 1.42
N ALA A 173 3.87 26.69 2.45
CA ALA A 173 4.60 26.62 3.71
C ALA A 173 4.18 25.34 4.45
N PRO A 174 5.06 24.33 4.54
CA PRO A 174 4.62 23.07 5.15
C PRO A 174 4.50 23.13 6.64
N LEU A 175 3.60 22.32 7.18
CA LEU A 175 3.51 22.13 8.62
C LEU A 175 4.27 20.87 8.95
N VAL A 176 5.22 20.95 9.87
CA VAL A 176 5.99 19.77 10.28
C VAL A 176 5.46 19.34 11.63
N LEU A 177 4.78 18.20 11.67
CA LEU A 177 3.98 17.77 12.82
C LEU A 177 4.10 16.29 12.96
N LYS A 178 3.93 15.76 14.18
CA LYS A 178 3.89 14.33 14.34
C LYS A 178 2.45 13.84 14.08
N VAL A 179 2.19 13.30 12.89
CA VAL A 179 0.86 12.76 12.53
C VAL A 179 0.84 11.24 12.49
N SER A 180 2.01 10.62 12.50
CA SER A 180 2.11 9.17 12.55
C SER A 180 2.02 8.65 13.97
N GLU A 181 1.54 7.41 14.06
CA GLU A 181 1.32 6.80 15.35
C GLU A 181 2.67 6.35 15.88
N ASN B 16 -5.65 -22.60 -16.48
CA ASN B 16 -5.42 -22.15 -15.09
C ASN B 16 -6.71 -21.67 -14.41
N SER B 17 -6.89 -22.04 -13.15
CA SER B 17 -8.13 -21.74 -12.44
C SER B 17 -8.23 -20.24 -12.17
N ARG B 18 -9.42 -19.70 -12.37
CA ARG B 18 -9.69 -18.29 -12.05
C ARG B 18 -11.16 -18.18 -11.63
N LYS B 19 -11.43 -18.63 -10.41
CA LYS B 19 -12.79 -18.74 -9.93
C LYS B 19 -13.40 -17.38 -9.66
N THR B 20 -14.74 -17.36 -9.63
CA THR B 20 -15.47 -16.16 -9.35
C THR B 20 -15.70 -16.04 -7.85
N ALA B 21 -16.13 -14.84 -7.44
CA ALA B 21 -16.48 -14.61 -6.05
C ALA B 21 -17.59 -15.57 -5.65
N THR B 22 -18.59 -15.75 -6.51
CA THR B 22 -19.67 -16.70 -6.27
C THR B 22 -19.18 -18.08 -5.99
N GLU B 23 -18.23 -18.54 -6.80
CA GLU B 23 -17.65 -19.84 -6.60
C GLU B 23 -16.94 -19.91 -5.27
N LEU B 24 -16.25 -18.85 -4.89
CA LEU B 24 -15.62 -18.85 -3.57
C LEU B 24 -16.65 -18.98 -2.43
N PHE B 25 -17.71 -18.19 -2.53
CA PHE B 25 -18.70 -18.20 -1.48
C PHE B 25 -19.35 -19.60 -1.33
N GLU B 26 -19.63 -20.23 -2.46
CA GLU B 26 -20.22 -21.56 -2.45
C GLU B 26 -19.27 -22.55 -1.82
N PHE B 27 -17.98 -22.44 -2.13
CA PHE B 27 -16.98 -23.31 -1.49
C PHE B 27 -17.00 -23.13 0.04
N LEU B 28 -17.00 -21.87 0.51
CA LEU B 28 -17.01 -21.57 1.94
C LEU B 28 -18.29 -22.12 2.58
N ASP B 29 -19.42 -21.95 1.88
CA ASP B 29 -20.73 -22.51 2.35
C ASP B 29 -20.63 -24.03 2.54
N GLY B 30 -20.07 -24.73 1.57
CA GLY B 30 -19.92 -26.18 1.72
C GLY B 30 -19.03 -26.59 2.88
N LEU B 31 -18.07 -25.74 3.24
CA LEU B 31 -17.20 -25.96 4.40
C LEU B 31 -17.81 -25.58 5.72
N GLY B 32 -18.96 -24.92 5.69
CA GLY B 32 -19.57 -24.46 6.92
C GLY B 32 -18.87 -23.22 7.50
N ILE B 33 -18.23 -22.43 6.63
CA ILE B 33 -17.55 -21.20 7.02
C ILE B 33 -18.46 -19.99 6.81
N SER B 34 -18.80 -19.33 7.91
CA SER B 34 -19.64 -18.14 7.86
C SER B 34 -18.83 -17.02 7.23
N HIS B 35 -19.49 -16.24 6.37
CA HIS B 35 -18.84 -15.09 5.77
C HIS B 35 -19.79 -13.91 5.68
N THR B 36 -19.24 -12.70 5.73
CA THR B 36 -19.99 -11.50 5.41
C THR B 36 -19.18 -10.67 4.48
N THR B 37 -19.86 -10.01 3.55
CA THR B 37 -19.18 -9.19 2.57
C THR B 37 -19.77 -7.79 2.43
N LYS B 38 -18.88 -6.82 2.29
CA LYS B 38 -19.24 -5.43 2.00
C LYS B 38 -18.94 -5.20 0.54
N GLN B 39 -19.93 -4.69 -0.19
CA GLN B 39 -19.77 -4.30 -1.57
C GLN B 39 -19.30 -2.85 -1.57
N HIS B 40 -18.33 -2.54 -2.41
CA HIS B 40 -17.78 -1.17 -2.40
C HIS B 40 -17.07 -0.90 -3.72
N GLU B 41 -17.06 0.36 -4.14
CA GLU B 41 -16.20 0.70 -5.24
C GLU B 41 -14.74 0.36 -4.93
N PRO B 42 -13.98 -0.08 -5.92
CA PRO B 42 -12.59 -0.32 -5.70
C PRO B 42 -11.88 0.95 -5.23
N VAL B 43 -10.92 0.76 -4.33
CA VAL B 43 -10.18 1.91 -3.75
C VAL B 43 -8.69 1.81 -4.05
N PHE B 44 -8.06 2.97 -4.29
CA PHE B 44 -6.69 3.02 -4.73
C PHE B 44 -5.82 3.92 -3.89
N THR B 45 -6.36 5.05 -3.41
CA THR B 45 -5.49 5.98 -2.67
C THR B 45 -5.30 5.54 -1.22
N VAL B 46 -4.28 6.11 -0.60
CA VAL B 46 -3.95 5.73 0.79
C VAL B 46 -5.12 6.07 1.73
N ALA B 47 -5.65 7.30 1.68
CA ALA B 47 -6.67 7.72 2.63
C ALA B 47 -8.01 7.05 2.37
N GLU B 48 -8.32 6.83 1.09
CA GLU B 48 -9.56 6.16 0.76
C GLU B 48 -9.54 4.70 1.15
N SER B 49 -8.40 4.02 0.96
CA SER B 49 -8.28 2.63 1.39
C SER B 49 -8.33 2.51 2.89
N GLN B 50 -7.67 3.41 3.58
CA GLN B 50 -7.69 3.37 5.03
C GLN B 50 -9.09 3.68 5.57
N SER B 51 -9.77 4.65 4.97
CA SER B 51 -11.15 4.97 5.40
C SER B 51 -12.05 3.75 5.28
N LEU B 52 -11.91 3.01 4.19
CA LEU B 52 -12.69 1.81 3.98
C LEU B 52 -12.36 0.76 5.00
N ARG B 53 -11.07 0.47 5.21
CA ARG B 53 -10.71 -0.48 6.24
C ARG B 53 -11.29 -0.13 7.62
N ASP B 54 -11.30 1.16 7.98
CA ASP B 54 -11.80 1.59 9.27
C ASP B 54 -13.30 1.33 9.44
N LEU B 55 -14.01 1.06 8.34
CA LEU B 55 -15.45 0.75 8.41
C LEU B 55 -15.71 -0.76 8.55
N ILE B 56 -14.66 -1.58 8.43
CA ILE B 56 -14.80 -3.03 8.33
C ILE B 56 -14.02 -3.65 9.48
N PRO B 57 -14.71 -4.12 10.51
CA PRO B 57 -14.01 -4.74 11.62
C PRO B 57 -13.14 -5.93 11.22
N GLY B 58 -12.09 -6.19 12.02
CA GLY B 58 -11.20 -7.30 11.82
C GLY B 58 -9.86 -6.91 11.22
N GLY B 59 -8.97 -7.90 11.15
CA GLY B 59 -7.68 -7.69 10.59
C GLY B 59 -7.72 -7.67 9.09
N HIS B 60 -7.15 -6.65 8.46
CA HIS B 60 -7.11 -6.57 7.00
C HIS B 60 -5.79 -7.14 6.53
N THR B 61 -5.89 -7.96 5.49
CA THR B 61 -4.71 -8.75 5.03
C THR B 61 -4.05 -8.09 3.83
N LYS B 62 -2.72 -8.28 3.75
CA LYS B 62 -1.98 -7.99 2.54
C LYS B 62 -1.04 -9.18 2.34
N ASN B 63 -0.65 -9.35 1.07
CA ASN B 63 0.01 -10.57 0.66
C ASN B 63 1.27 -10.31 -0.11
N LEU B 64 2.34 -10.99 0.28
CA LEU B 64 3.60 -10.96 -0.47
C LEU B 64 3.79 -12.26 -1.24
N PHE B 65 3.88 -12.18 -2.56
CA PHE B 65 4.03 -13.31 -3.42
C PHE B 65 5.48 -13.34 -3.85
N VAL B 66 6.18 -14.34 -3.36
CA VAL B 66 7.63 -14.45 -3.48
C VAL B 66 8.08 -15.84 -3.84
N LYS B 67 9.31 -15.91 -4.29
CA LYS B 67 9.94 -17.21 -4.53
C LYS B 67 11.41 -17.21 -4.09
N ASP B 68 12.02 -18.37 -4.12
CA ASP B 68 13.43 -18.49 -3.83
C ASP B 68 14.17 -18.97 -5.07
N LYS B 69 15.47 -19.18 -4.88
CA LYS B 69 16.34 -19.55 -6.03
C LYS B 69 16.09 -20.91 -6.58
N LYS B 70 15.33 -21.70 -5.84
CA LYS B 70 14.91 -23.02 -6.31
C LYS B 70 13.49 -22.99 -6.91
N ASP B 71 12.97 -21.78 -7.16
CA ASP B 71 11.64 -21.57 -7.70
C ASP B 71 10.55 -22.20 -6.87
N GLN B 72 10.77 -22.21 -5.56
CA GLN B 72 9.68 -22.51 -4.63
C GLN B 72 8.96 -21.20 -4.32
N TYR B 73 7.63 -21.22 -4.56
CA TYR B 73 6.78 -20.07 -4.37
C TYR B 73 6.07 -20.10 -3.01
N PHE B 74 5.91 -18.90 -2.48
CA PHE B 74 5.23 -18.65 -1.22
C PHE B 74 4.31 -17.45 -1.32
N VAL B 75 3.25 -17.49 -0.53
CA VAL B 75 2.46 -16.29 -0.19
C VAL B 75 2.59 -16.07 1.31
N LEU B 76 3.07 -14.90 1.65
CA LEU B 76 3.11 -14.47 3.06
C LEU B 76 1.92 -13.53 3.25
N THR B 77 1.00 -13.90 4.14
CA THR B 77 -0.17 -13.08 4.42
C THR B 77 0.01 -12.48 5.80
N VAL B 78 -0.02 -11.15 5.84
CA VAL B 78 0.24 -10.37 7.04
C VAL B 78 -0.85 -9.30 7.19
N GLU B 79 -0.88 -8.68 8.35
CA GLU B 79 -1.77 -7.56 8.60
C GLU B 79 -1.34 -6.36 7.73
N GLU B 80 -2.30 -5.53 7.36
CA GLU B 80 -2.03 -4.44 6.43
C GLU B 80 -0.89 -3.50 6.82
N ASN B 81 -0.75 -3.22 8.11
CA ASN B 81 0.28 -2.30 8.58
C ASN B 81 1.57 -3.01 9.00
N ALA B 82 1.66 -4.33 8.78
CA ALA B 82 2.87 -5.05 9.13
C ALA B 82 4.00 -4.80 8.11
N VAL B 83 5.23 -5.00 8.55
CA VAL B 83 6.42 -4.96 7.69
C VAL B 83 7.18 -6.29 7.74
N VAL B 84 7.51 -6.84 6.56
CA VAL B 84 8.31 -8.01 6.45
C VAL B 84 9.70 -7.59 5.99
N ASP B 85 10.73 -8.14 6.63
CA ASP B 85 12.13 -7.94 6.27
C ASP B 85 12.48 -8.93 5.17
N LEU B 86 12.44 -8.46 3.93
CA LEU B 86 12.66 -9.36 2.81
C LEU B 86 14.06 -9.88 2.77
N LYS B 87 15.00 -9.26 3.47
CA LYS B 87 16.37 -9.80 3.46
C LYS B 87 16.54 -11.03 4.31
N SER B 88 15.62 -11.26 5.27
CA SER B 88 15.80 -12.32 6.27
C SER B 88 14.66 -13.33 6.35
N VAL B 89 13.52 -13.00 5.73
CA VAL B 89 12.34 -13.81 5.97
C VAL B 89 12.53 -15.25 5.47
N HIS B 90 13.42 -15.47 4.49
CA HIS B 90 13.68 -16.86 4.05
C HIS B 90 14.08 -17.81 5.16
N LYS B 91 14.80 -17.33 6.16
CA LYS B 91 15.25 -18.14 7.27
C LYS B 91 14.06 -18.62 8.12
N THR B 92 13.05 -17.76 8.28
CA THR B 92 11.85 -18.14 9.04
C THR B 92 10.99 -19.17 8.33
N ILE B 93 10.82 -19.00 7.02
CA ILE B 93 9.88 -19.83 6.26
C ILE B 93 10.48 -21.07 5.61
N GLY B 94 11.79 -21.28 5.75
CA GLY B 94 12.43 -22.48 5.24
C GLY B 94 12.73 -22.45 3.77
N ALA B 95 12.89 -21.23 3.22
CA ALA B 95 13.20 -21.08 1.82
C ALA B 95 14.71 -21.28 1.57
N ALA B 96 15.03 -21.52 0.31
CA ALA B 96 16.39 -21.93 -0.08
C ALA B 96 17.38 -20.80 -0.21
N SER B 97 16.87 -19.58 -0.23
CA SER B 97 17.68 -18.41 -0.40
C SER B 97 16.89 -17.17 -0.03
N ARG B 98 17.55 -16.02 0.01
CA ARG B 98 16.83 -14.77 0.06
C ARG B 98 15.74 -14.79 -1.02
N VAL B 99 14.55 -14.32 -0.68
CA VAL B 99 13.46 -14.41 -1.63
C VAL B 99 13.49 -13.25 -2.61
N SER B 100 12.85 -13.49 -3.74
CA SER B 100 12.68 -12.51 -4.80
C SER B 100 11.19 -12.42 -5.07
N PHE B 101 10.72 -11.28 -5.59
CA PHE B 101 9.28 -11.20 -5.83
C PHE B 101 8.88 -12.13 -6.98
N GLY B 102 7.72 -12.77 -6.85
CA GLY B 102 7.17 -13.60 -7.91
C GLY B 102 6.57 -12.69 -8.99
N ARG B 103 6.84 -13.03 -10.23
CA ARG B 103 6.39 -12.19 -11.34
C ARG B 103 4.91 -12.50 -11.70
N PRO B 104 4.24 -11.56 -12.37
CA PRO B 104 2.81 -11.67 -12.68
C PRO B 104 2.34 -12.94 -13.41
N GLU B 105 3.12 -13.48 -14.34
CA GLU B 105 2.73 -14.70 -15.05
C GLU B 105 2.42 -15.87 -14.12
N LYS B 106 3.39 -16.14 -13.24
CA LYS B 106 3.25 -17.20 -12.27
C LYS B 106 2.18 -16.85 -11.24
N MET B 107 2.04 -15.56 -10.90
CA MET B 107 0.97 -15.15 -9.97
C MET B 107 -0.39 -15.48 -10.53
N LEU B 108 -0.59 -15.18 -11.81
CA LEU B 108 -1.85 -15.52 -12.47
C LEU B 108 -2.00 -17.04 -12.63
N GLU B 109 -0.95 -17.73 -13.05
CA GLU B 109 -0.97 -19.18 -13.25
C GLU B 109 -1.38 -19.93 -11.97
N TYR B 110 -0.76 -19.53 -10.84
CA TYR B 110 -0.98 -20.24 -9.59
C TYR B 110 -2.18 -19.72 -8.82
N LEU B 111 -2.29 -18.41 -8.67
CA LEU B 111 -3.31 -17.83 -7.79
C LEU B 111 -4.51 -17.25 -8.49
N GLY B 112 -4.44 -17.11 -9.81
CA GLY B 112 -5.57 -16.59 -10.57
C GLY B 112 -5.89 -15.15 -10.27
N VAL B 113 -4.87 -14.39 -9.90
CA VAL B 113 -5.02 -12.98 -9.54
C VAL B 113 -3.98 -12.16 -10.29
N VAL B 114 -4.30 -10.88 -10.45
CA VAL B 114 -3.40 -9.90 -11.03
C VAL B 114 -3.08 -8.81 -9.98
N PRO B 115 -2.06 -8.02 -10.27
CA PRO B 115 -1.75 -6.85 -9.44
C PRO B 115 -2.95 -5.96 -9.14
N GLY B 116 -3.06 -5.51 -7.89
CA GLY B 116 -4.18 -4.73 -7.42
C GLY B 116 -5.34 -5.53 -6.88
N SER B 117 -5.29 -6.85 -7.08
CA SER B 117 -6.39 -7.71 -6.68
C SER B 117 -5.86 -8.97 -6.00
N VAL B 118 -4.62 -8.93 -5.50
CA VAL B 118 -4.01 -10.09 -4.84
C VAL B 118 -4.77 -10.37 -3.53
N THR B 119 -5.04 -11.66 -3.28
CA THR B 119 -5.81 -12.03 -2.13
C THR B 119 -5.49 -13.42 -1.67
N VAL B 120 -5.51 -13.63 -0.35
CA VAL B 120 -5.25 -14.95 0.19
C VAL B 120 -6.26 -15.99 -0.28
N PHE B 121 -7.43 -15.51 -0.68
CA PHE B 121 -8.45 -16.43 -1.25
C PHE B 121 -8.06 -17.04 -2.59
N GLY B 122 -7.00 -16.52 -3.20
CA GLY B 122 -6.46 -17.08 -4.45
C GLY B 122 -5.93 -18.50 -4.28
N ALA B 123 -5.74 -18.97 -3.06
CA ALA B 123 -5.42 -20.37 -2.80
C ALA B 123 -6.35 -21.34 -3.48
N ILE B 124 -7.61 -20.95 -3.61
CA ILE B 124 -8.61 -21.78 -4.27
C ILE B 124 -8.25 -22.06 -5.74
N ASN B 125 -7.45 -21.17 -6.36
CA ASN B 125 -7.02 -21.32 -7.74
C ASN B 125 -5.74 -22.14 -7.93
N ASP B 126 -5.00 -22.40 -6.85
CA ASP B 126 -3.75 -23.11 -6.94
C ASP B 126 -4.00 -24.62 -6.88
N THR B 127 -4.65 -25.14 -7.91
CA THR B 127 -5.05 -26.56 -7.95
C THR B 127 -3.87 -27.52 -7.98
N ALA B 128 -2.73 -27.07 -8.49
CA ALA B 128 -1.50 -27.88 -8.52
C ALA B 128 -0.67 -27.74 -7.25
N ARG B 129 -1.16 -26.95 -6.30
CA ARG B 129 -0.54 -26.79 -5.00
C ARG B 129 0.96 -26.43 -5.12
N GLN B 130 1.24 -25.42 -5.95
CA GLN B 130 2.62 -24.94 -6.12
C GLN B 130 3.04 -23.89 -5.11
N VAL B 131 2.09 -23.33 -4.38
CA VAL B 131 2.37 -22.22 -3.48
C VAL B 131 2.24 -22.63 -2.02
N THR B 132 3.22 -22.26 -1.19
CA THR B 132 3.18 -22.48 0.25
C THR B 132 2.63 -21.21 0.89
N PHE B 133 1.53 -21.35 1.62
CA PHE B 133 0.94 -20.22 2.31
C PHE B 133 1.45 -20.09 3.74
N VAL B 134 1.93 -18.90 4.07
CA VAL B 134 2.42 -18.62 5.41
C VAL B 134 1.54 -17.53 6.00
N LEU B 135 0.99 -17.76 7.18
CA LEU B 135 0.12 -16.80 7.86
C LEU B 135 0.90 -16.21 9.00
N ASP B 136 1.05 -14.90 9.03
CA ASP B 136 1.72 -14.29 10.18
C ASP B 136 0.99 -14.56 11.51
N SER B 137 1.75 -14.93 12.55
CA SER B 137 1.11 -15.29 13.81
C SER B 137 0.32 -14.13 14.41
N ASP B 138 0.82 -12.91 14.25
CA ASP B 138 0.09 -11.74 14.80
C ASP B 138 -1.26 -11.56 14.13
N LEU B 139 -1.30 -11.76 12.80
CA LEU B 139 -2.53 -11.67 12.08
C LEU B 139 -3.63 -12.56 12.68
N LEU B 140 -3.26 -13.78 13.07
CA LEU B 140 -4.22 -14.76 13.56
C LEU B 140 -4.68 -14.53 15.00
N GLU B 141 -4.09 -13.54 15.68
CA GLU B 141 -4.61 -13.09 16.96
C GLU B 141 -5.84 -12.20 16.80
N ASN B 142 -6.15 -11.78 15.59
CA ASN B 142 -7.44 -11.12 15.34
C ASN B 142 -8.53 -12.20 15.31
N GLU B 143 -9.66 -11.95 15.94
CA GLU B 143 -10.78 -12.88 15.81
C GLU B 143 -11.26 -13.04 14.36
N LEU B 144 -11.32 -11.91 13.67
CA LEU B 144 -11.80 -11.81 12.30
C LEU B 144 -10.70 -11.30 11.38
N VAL B 145 -10.74 -11.73 10.13
CA VAL B 145 -9.80 -11.29 9.13
C VAL B 145 -10.55 -11.03 7.86
N ASN B 146 -9.96 -10.14 7.06
CA ASN B 146 -10.58 -9.66 5.84
C ASN B 146 -9.70 -9.84 4.62
N GLY B 147 -10.36 -10.08 3.49
CA GLY B 147 -9.71 -10.16 2.17
C GLY B 147 -10.70 -10.01 1.03
N HIS B 148 -10.19 -9.70 -0.16
CA HIS B 148 -11.09 -9.56 -1.32
C HIS B 148 -11.44 -10.96 -1.79
N PRO B 149 -12.73 -11.24 -2.04
CA PRO B 149 -13.17 -12.58 -2.45
C PRO B 149 -12.98 -12.74 -3.96
N LEU B 150 -11.75 -12.56 -4.42
CA LEU B 150 -11.43 -12.72 -5.86
C LEU B 150 -11.99 -11.61 -6.73
N SER B 151 -12.30 -10.48 -6.09
CA SER B 151 -12.77 -9.30 -6.78
C SER B 151 -12.50 -8.13 -5.82
N ASN B 152 -11.99 -7.04 -6.37
CA ASN B 152 -11.59 -5.89 -5.54
C ASN B 152 -12.72 -4.84 -5.29
N ASP B 153 -13.93 -5.18 -5.67
CA ASP B 153 -15.11 -4.38 -5.32
C ASP B 153 -15.93 -5.02 -4.20
N GLN B 154 -15.27 -5.89 -3.43
CA GLN B 154 -15.87 -6.55 -2.29
C GLN B 154 -14.78 -6.83 -1.29
N THR B 155 -15.13 -6.77 -0.01
CA THR B 155 -14.27 -7.23 1.04
C THR B 155 -15.05 -8.13 1.97
N THR B 156 -14.47 -9.32 2.21
CA THR B 156 -15.15 -10.41 2.90
C THR B 156 -14.46 -10.68 4.21
N THR B 157 -15.28 -10.81 5.24
CA THR B 157 -14.80 -11.10 6.59
C THR B 157 -15.10 -12.54 6.96
N ILE B 158 -14.09 -13.27 7.41
CA ILE B 158 -14.27 -14.57 8.04
C ILE B 158 -13.50 -14.63 9.35
N ALA B 159 -13.80 -15.62 10.18
CA ALA B 159 -13.01 -15.81 11.38
C ALA B 159 -11.60 -16.23 10.99
N SER B 160 -10.61 -15.79 11.77
CA SER B 160 -9.24 -16.19 11.53
C SER B 160 -9.04 -17.70 11.54
N LYS B 161 -9.66 -18.41 12.46
CA LYS B 161 -9.56 -19.87 12.42
C LYS B 161 -10.15 -20.50 11.18
N ASP B 162 -11.19 -19.87 10.64
CA ASP B 162 -11.75 -20.28 9.36
C ASP B 162 -10.85 -20.01 8.15
N LEU B 163 -10.02 -18.96 8.22
CA LEU B 163 -9.01 -18.79 7.17
C LEU B 163 -8.13 -20.04 7.10
N ILE B 164 -7.69 -20.54 8.25
CA ILE B 164 -6.87 -21.76 8.25
C ILE B 164 -7.67 -22.93 7.67
N ARG B 165 -8.93 -23.06 8.09
CA ARG B 165 -9.79 -24.15 7.55
C ARG B 165 -9.95 -24.05 6.04
N PHE B 166 -10.14 -22.82 5.54
CA PHE B 166 -10.27 -22.58 4.12
C PHE B 166 -9.00 -23.04 3.40
N LEU B 167 -7.86 -22.59 3.88
CA LEU B 167 -6.57 -22.96 3.24
C LEU B 167 -6.39 -24.48 3.21
N GLU B 168 -6.60 -25.12 4.36
CA GLU B 168 -6.48 -26.57 4.45
C GLU B 168 -7.38 -27.26 3.43
N ALA B 169 -8.62 -26.77 3.31
CA ALA B 169 -9.60 -27.35 2.39
C ALA B 169 -9.14 -27.28 0.94
N THR B 170 -8.43 -26.21 0.58
CA THR B 170 -7.86 -26.08 -0.77
C THR B 170 -6.61 -26.90 -0.97
N GLY B 171 -6.17 -27.62 0.06
CA GLY B 171 -4.96 -28.46 -0.07
C GLY B 171 -3.68 -27.74 0.28
N HIS B 172 -3.82 -26.60 0.98
CA HIS B 172 -2.70 -25.78 1.46
C HIS B 172 -2.64 -25.78 2.98
N ALA B 173 -1.81 -26.63 3.55
CA ALA B 173 -1.53 -26.60 5.00
C ALA B 173 -0.70 -25.36 5.27
N PRO B 174 -1.29 -24.36 5.95
CA PRO B 174 -0.55 -23.14 6.19
C PRO B 174 0.50 -23.28 7.25
N LEU B 175 1.59 -22.57 7.04
CA LEU B 175 2.61 -22.37 8.06
C LEU B 175 2.24 -21.13 8.85
N VAL B 176 2.13 -21.27 10.16
CA VAL B 176 1.85 -20.11 11.01
C VAL B 176 3.12 -19.71 11.75
N LEU B 177 3.70 -18.57 11.35
CA LEU B 177 5.04 -18.18 11.72
C LEU B 177 5.07 -16.69 11.94
N LYS B 178 5.99 -16.21 12.75
CA LYS B 178 6.22 -14.79 12.89
C LYS B 178 7.10 -14.30 11.75
N VAL B 179 6.48 -13.68 10.74
CA VAL B 179 7.23 -13.17 9.59
C VAL B 179 7.21 -11.65 9.55
N SER B 180 6.34 -11.05 10.34
CA SER B 180 6.38 -9.58 10.50
C SER B 180 7.44 -9.16 11.52
N GLU B 181 7.93 -7.94 11.33
CA GLU B 181 8.88 -7.32 12.24
C GLU B 181 8.12 -6.87 13.47
#